data_6CGC
#
_entry.id   6CGC
#
_cell.length_a   41.750
_cell.length_b   107.980
_cell.length_c   115.720
_cell.angle_alpha   90.000
_cell.angle_beta   90.000
_cell.angle_gamma   90.000
#
_symmetry.space_group_name_H-M   'P 21 21 21'
#
loop_
_entity.id
_entity.type
_entity.pdbx_description
1 polymer 'Estradiol 17-beta-dehydrogenase 1'
2 non-polymer 'NADP NICOTINAMIDE-ADENINE-DINUCLEOTIDE PHOSPHATE'
3 non-polymer 3-{[(9beta,14beta,16alpha,17alpha)-3,17-dihydroxy-2-methoxyestra-1,3,5(10)-trien-16-yl]methyl}benzamide
4 water water
#
_entity_poly.entity_id   1
_entity_poly.type   'polypeptide(L)'
_entity_poly.pdbx_seq_one_letter_code
;MARTVVLITGCSSGIGLHLAVRLASDPSQSFKVYATLRDLKTQGRLWEAARALACPPGSLETLQLDVRDSKSVAAARERV
TEGRVDVLVCNAGLGLLGPLEALGEDAVASVLDVNVVGTVRMLQAFLPDMKRRGSGRVLVTGSVGGLMGLPFNDVYCASK
FALEGLCESLAVLLLPFGVHLSLIECGPVHTAFMEKVLGSPEEVLDRTDIHTFHRFYQYLAHSKQVFREAAQNPEEVAEV
FLTALRAPKPTLRYFTTERFLPLLRMRLDDPSGSNYVTAMHREVFGDVPAKAEAGAEAGGGAGPGAEDEAGRGAVGDPEL
GDPPAAPQ
;
_entity_poly.pdbx_strand_id   A,B
#
loop_
_chem_comp.id
_chem_comp.type
_chem_comp.name
_chem_comp.formula
F0A non-polymer 3-{[(9beta,14beta,16alpha,17alpha)-3,17-dihydroxy-2-methoxyestra-1,3,5(10)-trien-16-yl]methyl}benzamide 'C27 H33 N O4'
NAP non-polymer 'NADP NICOTINAMIDE-ADENINE-DINUCLEOTIDE PHOSPHATE' 'C21 H28 N7 O17 P3'
#
# COMPACT_ATOMS: atom_id res chain seq x y z
N ALA A 2 23.93 22.19 -19.98
CA ALA A 2 24.18 21.89 -18.52
C ALA A 2 24.00 20.39 -18.24
N ARG A 3 24.64 19.94 -17.17
CA ARG A 3 24.44 18.57 -16.72
C ARG A 3 23.03 18.31 -16.16
N THR A 4 22.71 17.03 -16.00
CA THR A 4 21.44 16.55 -15.47
C THR A 4 21.55 16.44 -13.96
N VAL A 5 20.71 17.19 -13.23
CA VAL A 5 20.76 17.13 -11.76
C VAL A 5 19.93 15.94 -11.25
N VAL A 6 20.60 15.05 -10.51
CA VAL A 6 20.00 13.86 -9.93
C VAL A 6 20.13 13.92 -8.40
N LEU A 7 19.04 13.58 -7.72
CA LEU A 7 19.01 13.50 -6.27
C LEU A 7 18.41 12.14 -5.95
N ILE A 8 19.11 11.38 -5.15
CA ILE A 8 18.84 10.00 -4.87
C ILE A 8 18.81 9.83 -3.36
N THR A 9 17.76 9.21 -2.83
CA THR A 9 17.68 8.78 -1.45
C THR A 9 18.20 7.35 -1.20
N GLY A 10 18.73 7.14 -0.01
CA GLY A 10 19.16 5.77 0.41
C GLY A 10 20.41 5.32 -0.29
N CYS A 11 21.44 6.17 -0.19
CA CYS A 11 22.73 5.97 -0.88
C CYS A 11 23.87 5.40 -0.03
N SER A 12 23.64 5.02 1.22
CA SER A 12 24.70 4.35 1.97
C SER A 12 25.08 2.95 1.44
N SER A 13 24.16 2.24 0.77
CA SER A 13 24.44 0.90 0.24
C SER A 13 23.57 0.46 -0.94
N GLY A 14 23.79 -0.74 -1.46
CA GLY A 14 22.85 -1.32 -2.41
C GLY A 14 22.53 -0.48 -3.65
N ILE A 15 21.26 -0.43 -4.07
CA ILE A 15 20.90 0.23 -5.31
C ILE A 15 21.28 1.72 -5.27
N GLY A 16 20.99 2.42 -4.18
CA GLY A 16 21.26 3.87 -4.15
C GLY A 16 22.76 4.23 -4.26
N LEU A 17 23.60 3.56 -3.48
CA LEU A 17 25.03 3.71 -3.62
C LEU A 17 25.52 3.39 -5.06
N HIS A 18 25.17 2.23 -5.62
CA HIS A 18 25.75 1.85 -6.95
C HIS A 18 25.26 2.67 -8.12
N LEU A 19 23.96 3.01 -8.10
CA LEU A 19 23.39 3.94 -9.10
C LEU A 19 24.05 5.33 -8.97
N ALA A 20 24.15 5.85 -7.74
CA ALA A 20 24.81 7.17 -7.53
C ALA A 20 26.22 7.26 -8.10
N VAL A 21 27.08 6.29 -7.78
CA VAL A 21 28.43 6.29 -8.37
C VAL A 21 28.40 5.97 -9.89
N ARG A 22 27.47 5.14 -10.34
CA ARG A 22 27.40 4.79 -11.77
C ARG A 22 27.10 5.99 -12.63
N LEU A 23 26.20 6.84 -12.16
CA LEU A 23 25.85 8.05 -12.88
C LEU A 23 26.95 9.10 -12.76
N ALA A 24 27.50 9.32 -11.55
CA ALA A 24 28.52 10.35 -11.39
C ALA A 24 29.77 9.99 -12.19
N SER A 25 30.06 8.70 -12.35
CA SER A 25 31.23 8.24 -13.13
C SER A 25 30.92 7.96 -14.60
N ASP A 26 29.67 8.13 -15.04
CA ASP A 26 29.35 7.90 -16.43
C ASP A 26 30.33 8.64 -17.38
N PRO A 27 30.83 7.91 -18.42
CA PRO A 27 31.69 8.53 -19.44
C PRO A 27 31.10 9.74 -20.23
N SER A 28 29.78 9.90 -20.27
CA SER A 28 29.21 11.16 -20.74
C SER A 28 29.68 12.37 -19.92
N GLN A 29 29.92 12.18 -18.62
CA GLN A 29 30.03 13.30 -17.67
C GLN A 29 28.81 14.24 -17.65
N SER A 30 27.63 13.72 -17.95
CA SER A 30 26.43 14.56 -17.98
C SER A 30 25.62 14.59 -16.64
N PHE A 31 26.05 13.90 -15.58
CA PHE A 31 25.21 13.79 -14.38
C PHE A 31 25.89 14.54 -13.26
N LYS A 32 25.14 15.34 -12.54
CA LYS A 32 25.57 15.90 -11.26
C LYS A 32 24.72 15.19 -10.24
N VAL A 33 25.33 14.35 -9.38
CA VAL A 33 24.57 13.55 -8.42
C VAL A 33 24.65 14.04 -6.95
N TYR A 34 23.49 14.33 -6.33
CA TYR A 34 23.38 14.55 -4.88
C TYR A 34 23.01 13.21 -4.21
N ALA A 35 24.00 12.51 -3.69
CA ALA A 35 23.72 11.19 -3.10
C ALA A 35 23.34 11.46 -1.64
N THR A 36 22.10 11.16 -1.25
CA THR A 36 21.64 11.47 0.11
C THR A 36 21.58 10.25 1.04
N LEU A 37 21.79 10.50 2.31
CA LEU A 37 21.93 9.47 3.33
C LEU A 37 21.23 9.84 4.60
N ARG A 38 20.67 8.86 5.28
CA ARG A 38 19.99 9.14 6.52
C ARG A 38 20.96 9.66 7.59
N ASP A 39 22.11 9.01 7.71
CA ASP A 39 23.16 9.36 8.69
C ASP A 39 24.44 9.52 7.90
N LEU A 40 25.01 10.72 7.93
CA LEU A 40 26.28 10.99 7.23
C LEU A 40 27.43 10.07 7.64
N LYS A 41 27.44 9.49 8.85
CA LYS A 41 28.54 8.63 9.22
C LYS A 41 28.66 7.36 8.41
N THR A 42 27.63 7.01 7.64
CA THR A 42 27.64 5.76 6.82
C THR A 42 28.23 5.97 5.40
N GLN A 43 28.69 7.18 5.08
CA GLN A 43 29.12 7.53 3.70
C GLN A 43 30.43 6.93 3.21
N GLY A 44 31.08 6.12 4.04
CA GLY A 44 32.36 5.53 3.76
C GLY A 44 32.40 4.74 2.50
N ARG A 45 31.54 3.72 2.40
CA ARG A 45 31.52 2.87 1.23
C ARG A 45 31.12 3.75 0.03
N LEU A 46 30.26 4.76 0.19
CA LEU A 46 29.92 5.55 -1.01
C LEU A 46 31.18 6.24 -1.58
N TRP A 47 31.98 6.91 -0.71
CA TRP A 47 33.15 7.60 -1.22
C TRP A 47 34.21 6.66 -1.80
N GLU A 48 34.43 5.53 -1.18
CA GLU A 48 35.42 4.59 -1.68
C GLU A 48 34.98 4.07 -3.07
N ALA A 49 33.70 3.79 -3.23
CA ALA A 49 33.18 3.41 -4.56
C ALA A 49 33.38 4.54 -5.60
N ALA A 50 33.07 5.77 -5.25
CA ALA A 50 33.25 6.93 -6.14
C ALA A 50 34.68 7.09 -6.54
N ARG A 51 35.55 6.95 -5.54
CA ARG A 51 37.00 7.01 -5.77
C ARG A 51 37.39 5.91 -6.74
N ALA A 52 37.02 4.68 -6.43
CA ALA A 52 37.27 3.55 -7.33
C ALA A 52 36.83 3.75 -8.83
N LEU A 53 35.69 4.39 -9.09
CA LEU A 53 35.22 4.62 -10.45
C LEU A 53 35.60 5.97 -11.03
N ALA A 54 36.40 6.74 -10.27
CA ALA A 54 36.91 8.05 -10.71
C ALA A 54 35.84 9.07 -10.98
N CYS A 55 34.91 9.23 -10.06
CA CYS A 55 33.92 10.29 -10.22
C CYS A 55 34.64 11.60 -10.28
N PRO A 56 34.43 12.39 -11.35
CA PRO A 56 35.16 13.65 -11.38
C PRO A 56 34.66 14.69 -10.34
N PRO A 57 35.47 15.73 -10.08
CA PRO A 57 35.09 16.82 -9.18
C PRO A 57 33.73 17.38 -9.51
N GLY A 58 32.91 17.58 -8.50
CA GLY A 58 31.56 18.05 -8.69
C GLY A 58 30.55 17.10 -9.33
N SER A 59 30.91 15.85 -9.61
CA SER A 59 29.94 14.88 -10.11
C SER A 59 29.13 14.28 -8.95
N LEU A 60 29.61 14.35 -7.72
CA LEU A 60 28.96 13.66 -6.61
C LEU A 60 29.08 14.49 -5.32
N GLU A 61 27.96 14.79 -4.70
CA GLU A 61 27.97 15.42 -3.36
C GLU A 61 26.97 14.65 -2.51
N THR A 62 27.31 14.44 -1.23
CA THR A 62 26.45 13.79 -0.27
C THR A 62 25.75 14.79 0.58
N LEU A 63 24.47 14.55 0.85
CA LEU A 63 23.67 15.34 1.79
C LEU A 63 23.04 14.41 2.82
N GLN A 64 22.90 14.86 4.07
CA GLN A 64 22.10 14.16 5.06
C GLN A 64 20.65 14.39 4.62
N LEU A 65 19.88 13.32 4.50
CA LEU A 65 18.43 13.45 4.25
C LEU A 65 17.70 12.25 4.86
N ASP A 66 16.87 12.52 5.84
CA ASP A 66 16.05 11.52 6.51
C ASP A 66 14.61 11.66 6.03
N VAL A 67 14.11 10.64 5.31
CA VAL A 67 12.76 10.72 4.71
C VAL A 67 11.60 10.76 5.72
N ARG A 68 11.92 10.49 6.99
CA ARG A 68 10.96 10.61 8.07
C ARG A 68 10.71 12.04 8.55
N ASP A 69 11.48 12.99 8.04
CA ASP A 69 11.69 14.31 8.68
C ASP A 69 11.59 15.30 7.55
N SER A 70 10.48 15.99 7.41
CA SER A 70 10.30 16.88 6.26
C SER A 70 11.11 18.16 6.30
N LYS A 71 11.75 18.47 7.42
CA LYS A 71 12.66 19.62 7.47
C LYS A 71 14.00 19.24 6.92
N SER A 72 14.45 18.03 7.26
CA SER A 72 15.57 17.34 6.60
C SER A 72 15.38 17.35 5.06
N VAL A 73 14.20 16.96 4.59
CA VAL A 73 13.90 16.93 3.17
C VAL A 73 13.99 18.36 2.58
N ALA A 74 13.46 19.33 3.31
CA ALA A 74 13.45 20.75 2.90
C ALA A 74 14.86 21.32 2.83
N ALA A 75 15.64 21.03 3.85
CA ALA A 75 17.03 21.47 3.94
C ALA A 75 17.89 20.90 2.80
N ALA A 76 17.65 19.63 2.45
CA ALA A 76 18.33 18.98 1.32
C ALA A 76 17.97 19.68 0.01
N ARG A 77 16.68 19.86 -0.26
CA ARG A 77 16.23 20.61 -1.43
C ARG A 77 16.94 22.01 -1.55
N GLU A 78 17.16 22.70 -0.42
CA GLU A 78 17.85 24.02 -0.39
C GLU A 78 19.35 23.89 -0.70
N ARG A 79 19.95 22.73 -0.43
CA ARG A 79 21.36 22.52 -0.78
C ARG A 79 21.56 22.23 -2.26
N VAL A 80 20.49 22.03 -3.05
CA VAL A 80 20.66 21.85 -4.49
C VAL A 80 20.95 23.22 -5.15
N THR A 81 22.23 23.53 -5.33
CA THR A 81 22.69 24.87 -5.79
C THR A 81 22.11 25.26 -7.16
N GLU A 82 21.94 24.29 -8.04
CA GLU A 82 21.40 24.53 -9.37
C GLU A 82 19.94 24.96 -9.44
N GLY A 83 19.22 24.93 -8.32
CA GLY A 83 17.82 25.37 -8.29
C GLY A 83 16.83 24.45 -8.99
N ARG A 84 17.24 23.22 -9.32
CA ARG A 84 16.35 22.27 -9.95
C ARG A 84 16.91 20.84 -9.87
N VAL A 85 16.00 19.89 -9.84
CA VAL A 85 16.36 18.52 -9.94
C VAL A 85 15.74 18.00 -11.21
N ASP A 86 16.56 17.42 -12.08
CA ASP A 86 16.12 16.85 -13.35
C ASP A 86 15.72 15.38 -13.19
N VAL A 87 16.39 14.65 -12.28
CA VAL A 87 15.96 13.28 -11.94
C VAL A 87 15.93 13.07 -10.43
N LEU A 88 14.75 12.74 -9.93
CA LEU A 88 14.56 12.35 -8.57
C LEU A 88 14.39 10.84 -8.49
N VAL A 89 15.25 10.22 -7.72
CA VAL A 89 15.19 8.81 -7.42
C VAL A 89 14.80 8.57 -5.95
N CYS A 90 13.61 7.98 -5.74
CA CYS A 90 13.09 7.65 -4.39
C CYS A 90 13.34 6.17 -4.20
N ASN A 91 14.42 5.90 -3.51
CA ASN A 91 14.93 4.60 -3.29
C ASN A 91 15.03 4.23 -1.79
N ALA A 92 15.07 5.19 -0.85
CA ALA A 92 15.10 4.88 0.60
C ALA A 92 13.99 3.93 0.99
N GLY A 93 14.32 2.88 1.70
CA GLY A 93 13.30 1.94 2.07
C GLY A 93 13.71 0.96 3.15
N LEU A 94 12.75 0.52 3.94
CA LEU A 94 12.96 -0.56 4.92
C LEU A 94 12.31 -1.88 4.53
N GLY A 95 13.01 -2.94 4.96
CA GLY A 95 12.48 -4.28 5.00
C GLY A 95 11.87 -4.62 6.33
N LEU A 96 11.03 -5.65 6.30
CA LEU A 96 10.46 -6.22 7.51
C LEU A 96 9.90 -7.56 7.16
N LEU A 97 10.38 -8.57 7.86
CA LEU A 97 10.18 -9.94 7.52
C LEU A 97 9.81 -10.73 8.76
N GLY A 98 8.59 -11.23 8.83
CA GLY A 98 8.23 -12.18 9.85
C GLY A 98 6.75 -12.49 9.88
N PRO A 99 6.34 -13.34 10.84
CA PRO A 99 4.92 -13.60 11.08
C PRO A 99 4.28 -12.32 11.53
N LEU A 100 3.12 -11.97 10.96
CA LEU A 100 2.55 -10.66 11.20
C LEU A 100 2.37 -10.33 12.70
N GLU A 101 1.88 -11.31 13.46
CA GLU A 101 1.69 -11.15 14.93
C GLU A 101 2.97 -10.98 15.77
N ALA A 102 4.11 -11.34 15.18
CA ALA A 102 5.42 -11.21 15.77
C ALA A 102 6.07 -9.83 15.59
N LEU A 103 5.59 -9.03 14.62
CA LEU A 103 6.24 -7.76 14.33
C LEU A 103 5.76 -6.75 15.28
N GLY A 104 6.66 -5.90 15.75
CA GLY A 104 6.35 -4.87 16.73
C GLY A 104 5.63 -3.76 16.02
N GLU A 105 4.64 -3.18 16.70
CA GLU A 105 3.86 -2.06 16.20
C GLU A 105 4.70 -0.86 15.70
N ASP A 106 5.81 -0.54 16.38
CA ASP A 106 6.71 0.54 15.95
C ASP A 106 7.44 0.20 14.65
N ALA A 107 7.99 -0.98 14.56
CA ALA A 107 8.56 -1.46 13.30
C ALA A 107 7.57 -1.42 12.11
N VAL A 108 6.35 -1.82 12.35
CA VAL A 108 5.30 -1.76 11.34
C VAL A 108 5.08 -0.32 10.92
N ALA A 109 4.96 0.56 11.94
CA ALA A 109 4.75 2.00 11.71
C ALA A 109 5.92 2.65 11.02
N SER A 110 7.12 2.15 11.32
CA SER A 110 8.34 2.59 10.64
C SER A 110 8.41 2.31 9.16
N VAL A 111 8.15 1.05 8.79
CA VAL A 111 8.18 0.68 7.39
C VAL A 111 7.26 1.64 6.65
N LEU A 112 6.05 1.85 7.16
CA LEU A 112 5.08 2.65 6.39
C LEU A 112 5.53 4.15 6.26
N ASP A 113 6.00 4.68 7.37
CA ASP A 113 6.46 6.03 7.46
C ASP A 113 7.63 6.25 6.51
N VAL A 114 8.57 5.29 6.51
CA VAL A 114 9.72 5.40 5.68
C VAL A 114 9.42 5.10 4.20
N ASN A 115 8.79 3.98 3.87
CA ASN A 115 8.63 3.55 2.46
C ASN A 115 7.57 4.34 1.73
N VAL A 116 6.49 4.64 2.43
CA VAL A 116 5.30 5.26 1.82
C VAL A 116 5.25 6.75 2.17
N VAL A 117 5.17 7.13 3.45
CA VAL A 117 5.07 8.59 3.77
C VAL A 117 6.38 9.31 3.34
N GLY A 118 7.53 8.67 3.58
CA GLY A 118 8.78 9.23 3.11
C GLY A 118 8.77 9.61 1.64
N THR A 119 8.36 8.66 0.80
CA THR A 119 8.22 8.96 -0.61
C THR A 119 7.25 10.11 -0.86
N VAL A 120 6.14 10.13 -0.14
CA VAL A 120 5.21 11.22 -0.28
C VAL A 120 5.90 12.52 0.04
N ARG A 121 6.64 12.59 1.15
CA ARG A 121 7.37 13.81 1.51
C ARG A 121 8.36 14.21 0.43
N MET A 122 9.06 13.23 -0.18
CA MET A 122 9.95 13.56 -1.29
C MET A 122 9.13 14.24 -2.39
N LEU A 123 8.03 13.59 -2.80
CA LEU A 123 7.24 14.11 -3.92
C LEU A 123 6.60 15.43 -3.63
N GLN A 124 6.20 15.65 -2.38
CA GLN A 124 5.70 16.96 -1.94
C GLN A 124 6.73 18.06 -2.13
N ALA A 125 7.97 17.80 -1.72
CA ALA A 125 9.02 18.81 -1.77
C ALA A 125 9.56 19.07 -3.18
N PHE A 126 9.59 18.07 -4.05
CA PHE A 126 10.22 18.21 -5.40
C PHE A 126 9.29 18.24 -6.63
N LEU A 127 8.12 17.62 -6.59
CA LEU A 127 7.20 17.66 -7.75
C LEU A 127 6.72 19.03 -8.18
N PRO A 128 6.54 19.98 -7.23
CA PRO A 128 5.95 21.26 -7.65
C PRO A 128 6.84 21.97 -8.65
N ASP A 129 8.13 22.11 -8.31
CA ASP A 129 9.14 22.77 -9.16
C ASP A 129 9.25 22.05 -10.51
N MET A 130 9.21 20.71 -10.50
CA MET A 130 9.15 19.94 -11.76
C MET A 130 7.89 20.27 -12.56
N LYS A 131 6.75 20.43 -11.86
CA LYS A 131 5.48 20.70 -12.54
C LYS A 131 5.49 22.04 -13.20
N ARG A 132 5.93 23.07 -12.49
CA ARG A 132 5.92 24.41 -13.08
C ARG A 132 6.98 24.62 -14.19
N ARG A 133 8.15 23.98 -14.06
CA ARG A 133 9.13 23.80 -15.17
C ARG A 133 8.60 23.02 -16.40
N GLY A 134 7.60 22.18 -16.23
CA GLY A 134 7.15 21.31 -17.30
C GLY A 134 8.11 20.18 -17.64
N SER A 135 8.97 19.80 -16.70
CA SER A 135 9.95 18.71 -16.94
C SER A 135 10.51 18.11 -15.64
N GLY A 136 11.00 16.89 -15.75
CA GLY A 136 11.40 16.14 -14.56
C GLY A 136 11.15 14.67 -14.80
N ARG A 137 11.96 13.85 -14.16
CA ARG A 137 11.73 12.42 -14.17
C ARG A 137 11.84 11.98 -12.73
N VAL A 138 10.87 11.20 -12.29
CA VAL A 138 10.89 10.59 -10.96
C VAL A 138 11.02 9.08 -11.20
N LEU A 139 12.01 8.46 -10.54
CA LEU A 139 12.16 7.05 -10.53
C LEU A 139 11.99 6.58 -9.09
N VAL A 140 11.07 5.61 -8.87
CA VAL A 140 10.81 5.05 -7.54
C VAL A 140 11.23 3.58 -7.54
N THR A 141 12.03 3.21 -6.54
CA THR A 141 12.45 1.79 -6.41
C THR A 141 11.24 1.03 -5.98
N GLY A 142 10.82 0.12 -6.85
CA GLY A 142 9.67 -0.74 -6.60
C GLY A 142 10.13 -2.19 -6.45
N SER A 143 9.16 -3.05 -6.23
CA SER A 143 9.41 -4.45 -6.04
C SER A 143 8.31 -5.26 -6.70
N VAL A 144 8.70 -6.44 -7.13
CA VAL A 144 7.71 -7.48 -7.43
C VAL A 144 6.73 -7.79 -6.23
N GLY A 145 7.22 -7.61 -5.00
CA GLY A 145 6.42 -7.57 -3.78
C GLY A 145 5.38 -6.46 -3.66
N GLY A 146 5.41 -5.46 -4.53
CA GLY A 146 4.34 -4.51 -4.69
C GLY A 146 3.32 -4.87 -5.73
N LEU A 147 3.56 -5.97 -6.45
CA LEU A 147 2.67 -6.50 -7.51
C LEU A 147 2.02 -7.81 -7.10
N MET A 148 2.63 -8.53 -6.18
CA MET A 148 2.02 -9.75 -5.72
C MET A 148 2.40 -9.95 -4.28
N GLY A 149 1.50 -10.55 -3.51
CA GLY A 149 1.72 -10.69 -2.09
C GLY A 149 2.59 -11.91 -1.79
N LEU A 150 3.49 -11.79 -0.83
CA LEU A 150 4.25 -12.95 -0.36
C LEU A 150 4.20 -13.24 1.14
N PRO A 151 4.05 -14.54 1.48
CA PRO A 151 3.95 -14.93 2.88
C PRO A 151 5.09 -14.37 3.69
N PHE A 152 4.77 -13.84 4.87
CA PHE A 152 5.75 -13.28 5.83
C PHE A 152 6.39 -12.00 5.37
N ASN A 153 5.88 -11.40 4.29
CA ASN A 153 6.34 -10.12 3.77
C ASN A 153 5.11 -9.19 3.73
N ASP A 154 4.19 -9.38 4.66
CA ASP A 154 2.87 -8.76 4.65
C ASP A 154 2.96 -7.20 4.72
N VAL A 155 3.73 -6.68 5.69
CA VAL A 155 3.91 -5.24 5.86
C VAL A 155 4.82 -4.68 4.78
N TYR A 156 5.91 -5.37 4.43
CA TYR A 156 6.77 -4.94 3.29
C TYR A 156 5.97 -4.83 1.98
N CYS A 157 5.26 -5.91 1.65
CA CYS A 157 4.30 -5.90 0.53
C CYS A 157 3.24 -4.83 0.55
N ALA A 158 2.63 -4.61 1.72
CA ALA A 158 1.68 -3.48 1.91
C ALA A 158 2.35 -2.20 1.48
N SER A 159 3.61 -2.03 1.88
CA SER A 159 4.33 -0.81 1.61
C SER A 159 4.65 -0.62 0.14
N LYS A 160 5.09 -1.71 -0.50
CA LYS A 160 5.37 -1.69 -1.94
C LYS A 160 4.12 -1.56 -2.82
N PHE A 161 3.05 -2.29 -2.47
CA PHE A 161 1.72 -2.09 -3.04
C PHE A 161 1.32 -0.63 -2.86
N ALA A 162 1.41 -0.09 -1.65
CA ALA A 162 1.17 1.36 -1.48
C ALA A 162 1.88 2.27 -2.49
N LEU A 163 3.19 2.07 -2.68
CA LEU A 163 3.90 2.80 -3.71
C LEU A 163 3.32 2.67 -5.12
N GLU A 164 2.87 1.45 -5.51
CA GLU A 164 2.18 1.23 -6.78
C GLU A 164 0.93 2.13 -6.92
N GLY A 165 0.13 2.20 -5.86
CA GLY A 165 -1.10 3.04 -5.91
C GLY A 165 -0.78 4.50 -5.91
N LEU A 166 0.24 4.86 -5.12
CA LEU A 166 0.67 6.25 -5.03
C LEU A 166 1.14 6.76 -6.39
N CYS A 167 2.08 6.02 -6.96
CA CYS A 167 2.67 6.34 -8.21
C CYS A 167 1.71 6.29 -9.42
N GLU A 168 0.84 5.29 -9.44
CA GLU A 168 -0.09 5.15 -10.56
C GLU A 168 -1.12 6.28 -10.53
N SER A 169 -1.49 6.74 -9.34
CA SER A 169 -2.47 7.83 -9.18
C SER A 169 -1.88 9.15 -9.67
N LEU A 170 -0.59 9.34 -9.32
CA LEU A 170 0.20 10.47 -9.81
C LEU A 170 0.41 10.44 -11.32
N ALA A 171 0.88 9.32 -11.82
CA ALA A 171 1.07 9.15 -13.27
C ALA A 171 -0.17 9.57 -14.09
N VAL A 172 -1.37 9.23 -13.64
CA VAL A 172 -2.58 9.61 -14.42
C VAL A 172 -2.62 11.13 -14.51
N LEU A 173 -2.35 11.83 -13.41
CA LEU A 173 -2.30 13.28 -13.41
C LEU A 173 -1.17 13.92 -14.23
N LEU A 174 0.05 13.40 -14.08
CA LEU A 174 1.27 14.05 -14.57
C LEU A 174 1.52 13.95 -16.08
N LEU A 175 0.80 13.05 -16.76
CA LEU A 175 0.95 12.76 -18.18
C LEU A 175 1.06 14.01 -19.05
N PRO A 176 0.11 14.97 -18.94
CA PRO A 176 0.28 16.23 -19.74
C PRO A 176 1.29 17.29 -19.21
N PHE A 177 1.86 17.11 -18.02
CA PHE A 177 2.81 18.06 -17.49
C PHE A 177 4.20 17.87 -18.10
N GLY A 178 4.43 16.74 -18.78
CA GLY A 178 5.81 16.37 -19.15
C GLY A 178 6.74 15.95 -18.01
N VAL A 179 6.20 15.68 -16.83
CA VAL A 179 6.97 15.11 -15.71
C VAL A 179 6.66 13.62 -15.74
N HIS A 180 7.70 12.81 -15.87
CA HIS A 180 7.55 11.36 -16.03
C HIS A 180 7.84 10.60 -14.76
N LEU A 181 6.93 9.71 -14.38
CA LEU A 181 7.06 8.94 -13.15
C LEU A 181 7.20 7.48 -13.54
N SER A 182 8.25 6.82 -13.03
CA SER A 182 8.44 5.42 -13.27
C SER A 182 8.76 4.63 -12.04
N LEU A 183 8.25 3.40 -12.00
CA LEU A 183 8.61 2.38 -10.98
C LEU A 183 9.59 1.44 -11.59
N ILE A 184 10.67 1.17 -10.86
CA ILE A 184 11.68 0.18 -11.31
C ILE A 184 11.37 -1.01 -10.42
N GLU A 185 10.78 -2.05 -11.02
CA GLU A 185 10.26 -3.21 -10.29
C GLU A 185 11.36 -4.22 -10.16
N CYS A 186 11.97 -4.29 -8.98
CA CYS A 186 13.08 -5.19 -8.68
C CYS A 186 12.57 -6.51 -8.17
N GLY A 187 13.13 -7.59 -8.67
CA GLY A 187 13.00 -8.87 -8.01
C GLY A 187 13.93 -8.92 -6.83
N PRO A 188 14.29 -10.13 -6.40
CA PRO A 188 15.34 -10.17 -5.37
C PRO A 188 16.66 -9.49 -5.82
N VAL A 189 17.17 -8.63 -4.94
CA VAL A 189 18.48 -8.03 -5.08
C VAL A 189 19.46 -8.55 -4.01
N HIS A 190 20.64 -8.95 -4.46
CA HIS A 190 21.69 -9.39 -3.57
C HIS A 190 22.54 -8.20 -3.13
N THR A 191 22.52 -7.87 -1.85
CA THR A 191 23.50 -6.93 -1.26
C THR A 191 24.43 -7.68 -0.28
N GLY A 199 13.70 -10.34 12.99
CA GLY A 199 13.27 -10.65 14.35
C GLY A 199 14.06 -11.82 14.95
N SER A 200 14.50 -11.68 16.20
CA SER A 200 15.26 -12.76 16.84
C SER A 200 14.36 -14.01 17.08
N PRO A 201 14.75 -15.21 16.56
CA PRO A 201 13.86 -16.40 16.56
C PRO A 201 13.11 -16.61 17.90
N GLU A 202 13.83 -16.30 18.98
CA GLU A 202 13.34 -16.12 20.35
C GLU A 202 12.05 -15.25 20.44
N GLU A 203 12.17 -13.96 20.07
CA GLU A 203 11.03 -13.03 20.11
C GLU A 203 9.87 -13.58 19.30
N VAL A 204 10.21 -14.13 18.13
CA VAL A 204 9.25 -14.67 17.15
C VAL A 204 8.42 -15.78 17.74
N LEU A 205 9.09 -16.84 18.20
CA LEU A 205 8.41 -17.96 18.85
C LEU A 205 7.45 -17.52 19.98
N ASP A 206 7.90 -16.71 20.94
CA ASP A 206 7.04 -16.18 22.02
C ASP A 206 5.68 -15.63 21.51
N ARG A 207 5.73 -14.83 20.44
CA ARG A 207 4.56 -14.13 19.91
C ARG A 207 3.78 -14.90 18.86
N THR A 208 4.26 -16.07 18.42
CA THR A 208 3.55 -16.84 17.37
C THR A 208 3.40 -18.30 17.79
N ASP A 209 2.38 -18.94 17.27
CA ASP A 209 2.17 -20.35 17.52
C ASP A 209 3.25 -21.23 16.88
N ILE A 210 3.22 -22.53 17.17
CA ILE A 210 4.26 -23.47 16.72
C ILE A 210 4.22 -23.72 15.21
N HIS A 211 3.04 -23.83 14.62
CA HIS A 211 2.98 -24.17 13.19
C HIS A 211 3.51 -23.02 12.32
N THR A 212 3.16 -21.78 12.69
CA THR A 212 3.70 -20.56 12.04
C THR A 212 5.21 -20.34 12.21
N PHE A 213 5.75 -20.72 13.37
CA PHE A 213 7.19 -20.71 13.56
C PHE A 213 7.85 -21.63 12.52
N HIS A 214 7.38 -22.84 12.43
CA HIS A 214 7.90 -23.80 11.45
C HIS A 214 7.71 -23.34 10.03
N ARG A 215 6.52 -22.87 9.70
CA ARG A 215 6.24 -22.36 8.37
C ARG A 215 7.20 -21.23 7.94
N PHE A 216 7.62 -20.41 8.89
CA PHE A 216 8.50 -19.28 8.62
C PHE A 216 9.92 -19.70 8.22
N TYR A 217 10.47 -20.71 8.91
CA TYR A 217 11.79 -21.25 8.56
C TYR A 217 11.70 -22.11 7.31
N GLN A 218 10.53 -22.69 7.06
CA GLN A 218 10.27 -23.31 5.78
C GLN A 218 10.34 -22.20 4.70
N TYR A 219 9.66 -21.08 4.92
CA TYR A 219 9.70 -19.97 3.95
C TYR A 219 11.14 -19.44 3.79
N LEU A 220 11.85 -19.19 4.90
CA LEU A 220 13.27 -18.75 4.86
C LEU A 220 14.20 -19.65 4.04
N ALA A 221 14.00 -20.96 4.11
CA ALA A 221 14.81 -21.91 3.34
C ALA A 221 14.51 -21.86 1.86
N HIS A 222 13.23 -21.79 1.51
CA HIS A 222 12.90 -21.66 0.10
C HIS A 222 13.43 -20.32 -0.41
N SER A 223 13.19 -19.25 0.34
CA SER A 223 13.66 -17.89 0.02
C SER A 223 15.17 -17.84 -0.34
N LYS A 224 16.02 -18.42 0.51
CA LYS A 224 17.48 -18.47 0.25
C LYS A 224 17.83 -19.22 -1.04
N GLN A 225 17.06 -20.23 -1.41
CA GLN A 225 17.23 -20.87 -2.73
C GLN A 225 16.76 -19.99 -3.89
N VAL A 226 15.68 -19.20 -3.68
CA VAL A 226 15.24 -18.31 -4.74
C VAL A 226 16.31 -17.25 -4.93
N PHE A 227 16.84 -16.68 -3.83
CA PHE A 227 17.93 -15.66 -3.87
C PHE A 227 19.25 -16.13 -4.53
N ARG A 228 19.70 -17.32 -4.17
CA ARG A 228 20.75 -18.04 -4.90
C ARG A 228 20.52 -18.25 -6.42
N GLU A 229 19.30 -18.57 -6.84
CA GLU A 229 19.06 -18.87 -8.27
C GLU A 229 18.88 -17.62 -9.11
N ALA A 230 18.17 -16.65 -8.57
CA ALA A 230 17.53 -15.59 -9.36
C ALA A 230 17.87 -14.17 -8.96
N ALA A 231 18.61 -13.97 -7.88
CA ALA A 231 18.90 -12.62 -7.41
C ALA A 231 19.74 -11.86 -8.44
N GLN A 232 19.45 -10.58 -8.59
CA GLN A 232 20.27 -9.64 -9.33
C GLN A 232 21.14 -8.85 -8.36
N ASN A 233 22.17 -8.22 -8.89
CA ASN A 233 23.16 -7.29 -8.25
CA ASN A 233 23.02 -7.34 -8.07
C ASN A 233 22.64 -5.87 -8.28
N PRO A 234 23.07 -5.01 -7.35
CA PRO A 234 22.73 -3.58 -7.55
C PRO A 234 23.27 -2.96 -8.87
N GLU A 235 24.41 -3.44 -9.34
CA GLU A 235 24.98 -2.95 -10.57
C GLU A 235 24.01 -3.21 -11.73
N GLU A 236 23.45 -4.44 -11.81
CA GLU A 236 22.48 -4.81 -12.86
C GLU A 236 21.20 -4.00 -12.78
N VAL A 237 20.73 -3.74 -11.56
CA VAL A 237 19.49 -2.97 -11.31
C VAL A 237 19.71 -1.53 -11.72
N ALA A 238 20.89 -0.98 -11.35
CA ALA A 238 21.25 0.40 -11.71
C ALA A 238 21.19 0.68 -13.19
N GLU A 239 21.52 -0.30 -14.03
CA GLU A 239 21.33 -0.12 -15.48
C GLU A 239 19.91 0.12 -15.89
N VAL A 240 18.94 -0.46 -15.21
CA VAL A 240 17.52 -0.29 -15.56
C VAL A 240 17.03 1.12 -15.19
N PHE A 241 17.47 1.61 -14.04
CA PHE A 241 17.31 3.04 -13.67
C PHE A 241 17.81 3.97 -14.78
N LEU A 242 19.03 3.73 -15.25
CA LEU A 242 19.66 4.52 -16.32
C LEU A 242 18.93 4.40 -17.66
N THR A 243 18.56 3.17 -18.07
CA THR A 243 17.67 2.99 -19.24
C THR A 243 16.36 3.78 -19.08
N ALA A 244 15.73 3.69 -17.91
CA ALA A 244 14.51 4.50 -17.69
C ALA A 244 14.78 6.02 -17.73
N LEU A 245 15.90 6.49 -17.19
CA LEU A 245 16.24 7.93 -17.23
C LEU A 245 16.36 8.48 -18.59
N ARG A 246 16.96 7.67 -19.46
CA ARG A 246 17.19 8.05 -20.83
C ARG A 246 16.02 7.82 -21.76
N ALA A 247 15.09 6.93 -21.41
CA ALA A 247 13.96 6.65 -22.29
C ALA A 247 13.28 7.95 -22.76
N PRO A 248 13.08 8.11 -24.08
CA PRO A 248 12.38 9.34 -24.53
C PRO A 248 10.91 9.40 -24.08
N LYS A 249 10.26 8.23 -24.06
CA LYS A 249 8.86 8.08 -23.66
C LYS A 249 8.78 7.02 -22.55
N PRO A 250 9.11 7.39 -21.31
CA PRO A 250 9.23 6.33 -20.29
C PRO A 250 7.87 5.72 -19.94
N THR A 251 7.85 4.44 -19.63
CA THR A 251 6.65 3.80 -19.12
C THR A 251 6.59 3.94 -17.59
N LEU A 252 5.41 3.72 -17.02
CA LEU A 252 5.19 3.68 -15.59
C LEU A 252 6.00 2.60 -14.86
N ARG A 253 6.20 1.44 -15.50
CA ARG A 253 6.93 0.34 -14.87
C ARG A 253 8.07 -0.11 -15.77
N TYR A 254 9.22 -0.39 -15.17
CA TYR A 254 10.34 -1.07 -15.80
C TYR A 254 10.53 -2.26 -14.91
N PHE A 255 10.69 -3.44 -15.50
CA PHE A 255 10.95 -4.64 -14.73
C PHE A 255 12.41 -4.96 -14.90
N THR A 256 13.12 -5.24 -13.80
CA THR A 256 14.53 -5.56 -13.88
C THR A 256 14.79 -6.98 -14.38
N THR A 257 13.83 -7.84 -14.19
CA THR A 257 13.86 -9.24 -14.64
C THR A 257 12.48 -9.61 -15.23
N GLU A 258 12.51 -10.55 -16.17
CA GLU A 258 11.30 -11.08 -16.82
C GLU A 258 10.72 -12.25 -16.00
N ARG A 259 11.54 -12.76 -15.08
CA ARG A 259 11.31 -14.00 -14.37
C ARG A 259 9.94 -14.16 -13.69
N PHE A 260 9.38 -13.08 -13.16
CA PHE A 260 8.13 -13.19 -12.39
C PHE A 260 6.91 -12.82 -13.22
N LEU A 261 7.10 -12.34 -14.45
CA LEU A 261 5.96 -11.98 -15.31
C LEU A 261 4.92 -13.11 -15.50
N PRO A 262 5.35 -14.38 -15.60
CA PRO A 262 4.34 -15.48 -15.66
C PRO A 262 3.39 -15.55 -14.45
N LEU A 263 3.94 -15.67 -13.25
CA LEU A 263 3.14 -15.59 -12.04
C LEU A 263 2.24 -14.37 -11.97
N LEU A 264 2.80 -13.21 -12.31
CA LEU A 264 2.07 -11.98 -12.34
C LEU A 264 0.92 -12.08 -13.32
N ARG A 265 1.13 -12.71 -14.47
CA ARG A 265 0.04 -12.80 -15.45
C ARG A 265 -1.07 -13.67 -14.89
N MET A 266 -0.68 -14.80 -14.30
CA MET A 266 -1.66 -15.70 -13.68
C MET A 266 -2.49 -14.98 -12.60
N ARG A 267 -1.82 -14.23 -11.74
CA ARG A 267 -2.44 -13.36 -10.73
C ARG A 267 -3.47 -12.39 -11.33
N LEU A 268 -3.14 -11.84 -12.48
CA LEU A 268 -3.99 -10.87 -13.15
C LEU A 268 -5.10 -11.55 -13.94
N ASP A 269 -4.83 -12.74 -14.49
CA ASP A 269 -5.87 -13.54 -15.17
C ASP A 269 -7.11 -13.75 -14.33
N ASP A 270 -6.90 -14.03 -13.03
CA ASP A 270 -7.97 -14.43 -12.12
C ASP A 270 -8.29 -13.33 -11.10
N PRO A 271 -9.29 -12.47 -11.40
CA PRO A 271 -9.41 -11.30 -10.52
C PRO A 271 -9.81 -11.67 -9.10
N SER A 272 -10.58 -12.75 -8.96
CA SER A 272 -10.96 -13.29 -7.64
C SER A 272 -9.79 -13.66 -6.70
N GLY A 273 -8.57 -13.80 -7.24
CA GLY A 273 -7.35 -14.05 -6.46
C GLY A 273 -7.12 -15.48 -6.01
N SER A 274 -8.07 -16.36 -6.29
CA SER A 274 -8.08 -17.75 -5.86
C SER A 274 -6.86 -18.55 -6.37
N ASN A 275 -6.63 -18.43 -7.69
CA ASN A 275 -5.54 -19.09 -8.39
C ASN A 275 -4.19 -18.69 -7.91
N TYR A 276 -4.04 -17.39 -7.65
CA TYR A 276 -2.76 -16.88 -7.19
C TYR A 276 -2.42 -17.47 -5.82
N VAL A 277 -3.40 -17.47 -4.92
CA VAL A 277 -3.18 -17.92 -3.53
C VAL A 277 -2.77 -19.40 -3.46
N THR A 278 -3.50 -20.25 -4.21
CA THR A 278 -3.16 -21.67 -4.35
C THR A 278 -1.75 -21.80 -4.93
N ALA A 279 -1.53 -21.15 -6.07
CA ALA A 279 -0.28 -21.29 -6.82
C ALA A 279 0.92 -20.82 -6.02
N MET A 280 0.83 -19.60 -5.48
CA MET A 280 1.90 -19.04 -4.67
C MET A 280 2.15 -19.89 -3.43
N HIS A 281 1.11 -20.36 -2.75
CA HIS A 281 1.36 -21.27 -1.61
C HIS A 281 2.18 -22.52 -2.03
N ARG A 282 1.72 -23.24 -3.04
CA ARG A 282 2.48 -24.37 -3.61
C ARG A 282 3.90 -23.97 -4.01
N GLU A 283 4.02 -22.90 -4.79
CA GLU A 283 5.34 -22.36 -5.17
C GLU A 283 6.27 -22.20 -3.95
N VAL A 284 5.78 -21.55 -2.90
CA VAL A 284 6.60 -21.26 -1.72
C VAL A 284 6.80 -22.49 -0.83
N PHE A 285 5.75 -23.27 -0.63
CA PHE A 285 5.72 -24.32 0.40
C PHE A 285 5.66 -25.79 -0.11
N GLY A 286 5.50 -25.98 -1.42
CA GLY A 286 5.70 -27.28 -2.06
C GLY A 286 4.49 -27.81 -2.81
N ALA B 2 -22.86 -23.29 18.96
CA ALA B 2 -23.25 -21.97 19.52
C ALA B 2 -23.45 -20.98 18.37
N ARG B 3 -23.65 -19.71 18.73
CA ARG B 3 -23.70 -18.67 17.72
C ARG B 3 -22.31 -18.34 17.14
N THR B 4 -22.31 -18.13 15.83
CA THR B 4 -21.23 -17.49 15.10
C THR B 4 -20.95 -16.07 15.63
N VAL B 5 -19.74 -15.87 16.15
CA VAL B 5 -19.42 -14.56 16.77
C VAL B 5 -18.71 -13.65 15.76
N VAL B 6 -19.30 -12.47 15.51
CA VAL B 6 -18.81 -11.49 14.54
C VAL B 6 -18.37 -10.21 15.24
N LEU B 7 -17.18 -9.71 14.94
CA LEU B 7 -16.76 -8.40 15.41
C LEU B 7 -16.44 -7.51 14.22
N ILE B 8 -17.09 -6.35 14.14
CA ILE B 8 -17.00 -5.41 13.03
C ILE B 8 -16.52 -4.05 13.56
N THR B 9 -15.50 -3.47 12.93
CA THR B 9 -15.11 -2.06 13.19
C THR B 9 -15.86 -1.04 12.28
N GLY B 10 -15.79 0.24 12.66
CA GLY B 10 -16.45 1.34 11.95
C GLY B 10 -17.94 1.12 11.76
N CYS B 11 -18.67 1.01 12.88
CA CYS B 11 -20.08 0.55 12.87
C CYS B 11 -21.12 1.65 13.11
N SER B 12 -20.66 2.89 13.23
CA SER B 12 -21.53 4.00 13.61
C SER B 12 -22.36 4.50 12.45
N SER B 13 -21.80 4.49 11.24
CA SER B 13 -22.53 4.85 10.00
C SER B 13 -22.21 3.85 8.88
N GLY B 14 -22.74 4.06 7.69
CA GLY B 14 -22.28 3.37 6.48
C GLY B 14 -22.31 1.86 6.55
N ILE B 15 -21.39 1.21 5.82
CA ILE B 15 -21.38 -0.27 5.64
C ILE B 15 -21.40 -1.05 6.99
N GLY B 16 -20.64 -0.57 7.99
CA GLY B 16 -20.53 -1.26 9.26
C GLY B 16 -21.84 -1.39 10.00
N LEU B 17 -22.50 -0.25 10.21
CA LEU B 17 -23.88 -0.25 10.74
C LEU B 17 -24.77 -1.25 10.08
N HIS B 18 -24.84 -1.21 8.74
CA HIS B 18 -25.81 -2.01 8.00
C HIS B 18 -25.50 -3.49 8.12
N LEU B 19 -24.25 -3.88 7.96
CA LEU B 19 -23.84 -5.26 8.21
C LEU B 19 -24.12 -5.70 9.66
N ALA B 20 -23.89 -4.83 10.64
CA ALA B 20 -24.07 -5.20 12.05
C ALA B 20 -25.52 -5.58 12.35
N VAL B 21 -26.45 -4.71 11.96
CA VAL B 21 -27.89 -4.97 12.13
C VAL B 21 -28.41 -6.11 11.23
N ARG B 22 -27.87 -6.21 10.02
CA ARG B 22 -28.27 -7.27 9.10
C ARG B 22 -27.96 -8.66 9.65
N LEU B 23 -26.85 -8.80 10.36
CA LEU B 23 -26.50 -10.09 10.96
C LEU B 23 -27.26 -10.33 12.27
N ALA B 24 -27.38 -9.28 13.09
CA ALA B 24 -28.08 -9.37 14.38
C ALA B 24 -29.57 -9.80 14.23
N SER B 25 -30.20 -9.44 13.09
CA SER B 25 -31.63 -9.76 12.84
C SER B 25 -31.86 -10.98 11.94
N ASP B 26 -30.89 -11.88 11.91
CA ASP B 26 -31.00 -13.10 11.13
C ASP B 26 -32.01 -13.98 11.87
N PRO B 27 -33.06 -14.48 11.16
CA PRO B 27 -34.08 -15.27 11.85
C PRO B 27 -33.63 -16.65 12.33
N SER B 28 -32.65 -17.27 11.68
CA SER B 28 -31.96 -18.42 12.31
C SER B 28 -31.26 -17.96 13.60
N GLN B 29 -30.88 -16.67 13.63
CA GLN B 29 -30.34 -15.98 14.80
C GLN B 29 -29.06 -16.69 15.19
N SER B 30 -28.19 -16.83 14.18
CA SER B 30 -26.93 -17.55 14.29
C SER B 30 -25.77 -16.66 14.72
N PHE B 31 -26.00 -15.35 14.87
CA PHE B 31 -24.92 -14.39 14.95
C PHE B 31 -24.97 -13.57 16.21
N LYS B 32 -23.86 -13.59 16.91
CA LYS B 32 -23.65 -12.67 18.01
C LYS B 32 -22.73 -11.59 17.50
N VAL B 33 -23.23 -10.37 17.36
CA VAL B 33 -22.50 -9.27 16.74
C VAL B 33 -21.93 -8.31 17.76
N TYR B 34 -20.61 -8.09 17.70
CA TYR B 34 -20.00 -6.98 18.42
C TYR B 34 -19.74 -5.91 17.37
N ALA B 35 -20.45 -4.79 17.49
CA ALA B 35 -20.31 -3.65 16.57
C ALA B 35 -19.42 -2.67 17.29
N THR B 36 -18.26 -2.33 16.73
CA THR B 36 -17.34 -1.46 17.40
C THR B 36 -17.30 -0.07 16.75
N LEU B 37 -17.01 0.95 17.57
CA LEU B 37 -17.07 2.35 17.16
C LEU B 37 -15.87 3.10 17.67
N ARG B 38 -15.34 4.06 16.87
CA ARG B 38 -14.27 4.95 17.32
C ARG B 38 -14.66 5.71 18.61
N ASP B 39 -15.89 6.21 18.62
CA ASP B 39 -16.49 6.86 19.78
C ASP B 39 -17.86 6.21 20.09
N LEU B 40 -17.97 5.54 21.24
CA LEU B 40 -19.26 4.97 21.71
C LEU B 40 -20.41 5.95 21.80
N LYS B 41 -20.09 7.23 21.99
CA LYS B 41 -21.12 8.30 22.03
C LYS B 41 -21.89 8.49 20.73
N THR B 42 -21.35 8.02 19.62
CA THR B 42 -22.01 8.05 18.29
C THR B 42 -22.94 6.86 18.00
N GLN B 43 -23.12 5.96 18.97
CA GLN B 43 -23.83 4.70 18.73
C GLN B 43 -25.36 4.84 18.53
N GLY B 44 -25.94 5.95 18.97
CA GLY B 44 -27.39 6.17 18.85
C GLY B 44 -28.03 5.73 17.55
N ARG B 45 -27.46 6.11 16.42
CA ARG B 45 -28.02 5.78 15.09
C ARG B 45 -28.02 4.28 14.79
N LEU B 46 -26.95 3.61 15.21
CA LEU B 46 -26.86 2.15 15.16
C LEU B 46 -27.97 1.43 15.93
N TRP B 47 -28.24 1.87 17.16
CA TRP B 47 -29.33 1.26 17.97
C TRP B 47 -30.74 1.47 17.40
N GLU B 48 -30.98 2.62 16.79
CA GLU B 48 -32.23 2.85 16.08
C GLU B 48 -32.44 1.84 14.95
N ALA B 49 -31.43 1.66 14.10
CA ALA B 49 -31.56 0.71 13.00
C ALA B 49 -31.70 -0.75 13.50
N ALA B 50 -31.16 -1.04 14.68
CA ALA B 50 -31.29 -2.38 15.25
C ALA B 50 -32.72 -2.66 15.79
N ARG B 51 -33.30 -1.69 16.50
CA ARG B 51 -34.74 -1.72 16.85
C ARG B 51 -35.66 -1.89 15.62
N ALA B 52 -35.42 -1.14 14.55
CA ALA B 52 -36.23 -1.18 13.33
C ALA B 52 -36.31 -2.55 12.67
N LEU B 53 -35.37 -3.44 13.01
CA LEU B 53 -35.40 -4.84 12.61
C LEU B 53 -35.67 -5.75 13.81
N ALA B 54 -35.99 -5.13 14.95
CA ALA B 54 -36.22 -5.80 16.24
C ALA B 54 -35.13 -6.80 16.58
N CYS B 55 -33.91 -6.30 16.68
CA CYS B 55 -32.78 -7.19 16.98
C CYS B 55 -33.00 -7.78 18.37
N PRO B 56 -33.14 -9.12 18.46
CA PRO B 56 -33.26 -9.70 19.81
C PRO B 56 -32.18 -9.17 20.77
N PRO B 57 -32.55 -8.80 22.00
CA PRO B 57 -31.50 -8.45 23.00
C PRO B 57 -30.53 -9.63 23.22
N GLY B 58 -29.24 -9.32 23.26
CA GLY B 58 -28.17 -10.33 23.28
C GLY B 58 -27.56 -10.65 21.91
N SER B 59 -28.14 -10.10 20.85
CA SER B 59 -27.68 -10.36 19.50
C SER B 59 -26.66 -9.32 19.06
N LEU B 60 -26.63 -8.17 19.71
CA LEU B 60 -25.80 -7.06 19.30
C LEU B 60 -25.27 -6.32 20.53
N GLU B 61 -23.94 -6.20 20.64
CA GLU B 61 -23.24 -5.50 21.72
C GLU B 61 -22.37 -4.45 21.04
N THR B 62 -22.22 -3.29 21.66
CA THR B 62 -21.34 -2.25 21.16
C THR B 62 -20.11 -2.14 22.04
N LEU B 63 -18.98 -1.88 21.41
CA LEU B 63 -17.74 -1.59 22.13
C LEU B 63 -17.11 -0.35 21.53
N GLN B 64 -16.36 0.41 22.35
CA GLN B 64 -15.38 1.33 21.80
C GLN B 64 -14.20 0.50 21.25
N LEU B 65 -13.74 0.88 20.06
CA LEU B 65 -12.51 0.34 19.45
C LEU B 65 -12.03 1.43 18.49
N ASP B 66 -10.89 2.01 18.84
CA ASP B 66 -10.20 3.00 18.05
C ASP B 66 -8.98 2.29 17.47
N VAL B 67 -8.96 2.08 16.16
CA VAL B 67 -7.93 1.26 15.53
C VAL B 67 -6.54 1.92 15.46
N ARG B 68 -6.44 3.20 15.80
CA ARG B 68 -5.14 3.84 15.96
C ARG B 68 -4.43 3.36 17.21
N ASP B 69 -5.13 2.70 18.14
CA ASP B 69 -4.60 2.42 19.48
C ASP B 69 -4.76 0.96 19.84
N SER B 70 -3.65 0.27 20.03
CA SER B 70 -3.65 -1.17 20.25
C SER B 70 -4.09 -1.56 21.65
N LYS B 71 -4.13 -0.60 22.58
CA LYS B 71 -4.73 -0.83 23.89
C LYS B 71 -6.26 -0.86 23.79
N SER B 72 -6.84 0.02 22.99
CA SER B 72 -8.27 -0.01 22.75
C SER B 72 -8.67 -1.29 21.95
N VAL B 73 -7.84 -1.68 20.98
CA VAL B 73 -8.00 -2.94 20.28
C VAL B 73 -7.97 -4.08 21.28
N ALA B 74 -6.98 -4.11 22.16
CA ALA B 74 -6.84 -5.24 23.10
C ALA B 74 -8.03 -5.32 24.07
N ALA B 75 -8.34 -4.18 24.67
CA ALA B 75 -9.48 -4.07 25.58
C ALA B 75 -10.80 -4.58 24.96
N ALA B 76 -11.01 -4.21 23.71
CA ALA B 76 -12.13 -4.67 22.96
C ALA B 76 -12.08 -6.18 22.75
N ARG B 77 -10.94 -6.71 22.39
CA ARG B 77 -10.79 -8.17 22.25
C ARG B 77 -11.27 -8.94 23.55
N GLU B 78 -10.94 -8.36 24.72
CA GLU B 78 -11.20 -8.98 26.03
C GLU B 78 -12.67 -8.88 26.35
N ARG B 79 -13.35 -7.82 25.89
CA ARG B 79 -14.82 -7.72 26.05
C ARG B 79 -15.62 -8.78 25.31
N VAL B 80 -14.99 -9.48 24.34
CA VAL B 80 -15.60 -10.63 23.68
C VAL B 80 -15.64 -11.78 24.69
N THR B 81 -16.74 -11.84 25.44
CA THR B 81 -16.92 -12.80 26.53
C THR B 81 -16.97 -14.25 26.04
N GLU B 82 -17.36 -14.50 24.79
CA GLU B 82 -17.25 -15.86 24.25
C GLU B 82 -15.79 -16.37 24.15
N GLY B 83 -14.79 -15.50 24.11
CA GLY B 83 -13.40 -15.94 23.99
C GLY B 83 -13.04 -16.50 22.60
N ARG B 84 -13.77 -16.05 21.59
CA ARG B 84 -13.39 -16.26 20.23
C ARG B 84 -14.10 -15.25 19.33
N VAL B 85 -13.54 -15.08 18.13
CA VAL B 85 -14.21 -14.44 17.02
C VAL B 85 -14.19 -15.38 15.83
N ASP B 86 -15.37 -15.61 15.29
CA ASP B 86 -15.54 -16.45 14.12
C ASP B 86 -15.42 -15.65 12.80
N VAL B 87 -15.91 -14.42 12.83
CA VAL B 87 -15.80 -13.53 11.68
C VAL B 87 -15.32 -12.18 12.13
N LEU B 88 -14.14 -11.77 11.68
CA LEU B 88 -13.65 -10.45 11.91
C LEU B 88 -13.82 -9.59 10.67
N VAL B 89 -14.41 -8.42 10.85
CA VAL B 89 -14.68 -7.49 9.74
C VAL B 89 -13.93 -6.17 10.02
N CYS B 90 -12.80 -6.03 9.34
CA CYS B 90 -11.99 -4.81 9.37
C CYS B 90 -12.57 -3.83 8.35
N ASN B 91 -13.36 -2.88 8.83
CA ASN B 91 -14.04 -1.96 7.94
C ASN B 91 -13.63 -0.51 8.15
N ALA B 92 -13.14 -0.13 9.33
CA ALA B 92 -12.65 1.24 9.60
C ALA B 92 -11.73 1.86 8.56
N GLY B 93 -12.10 3.02 8.03
CA GLY B 93 -11.26 3.63 7.00
C GLY B 93 -11.52 5.09 6.86
N LEU B 94 -10.50 5.86 6.43
CA LEU B 94 -10.66 7.25 6.09
C LEU B 94 -10.38 7.49 4.63
N GLY B 95 -10.95 8.59 4.13
CA GLY B 95 -10.62 9.14 2.86
C GLY B 95 -9.66 10.33 2.97
N LEU B 96 -9.08 10.63 1.80
CA LEU B 96 -8.28 11.84 1.58
C LEU B 96 -8.22 12.13 0.06
N LEU B 97 -8.68 13.32 -0.30
CA LEU B 97 -8.83 13.75 -1.69
C LEU B 97 -8.10 15.09 -1.80
N GLY B 98 -7.31 15.26 -2.84
CA GLY B 98 -6.51 16.48 -2.99
C GLY B 98 -5.28 16.28 -3.85
N PRO B 99 -4.76 17.40 -4.42
CA PRO B 99 -3.41 17.40 -4.97
C PRO B 99 -2.38 17.07 -3.91
N LEU B 100 -1.50 16.11 -4.20
CA LEU B 100 -0.56 15.57 -3.19
C LEU B 100 0.13 16.64 -2.31
N GLU B 101 0.67 17.65 -2.97
CA GLU B 101 1.40 18.69 -2.28
C GLU B 101 0.52 19.64 -1.46
N ALA B 102 -0.80 19.59 -1.67
CA ALA B 102 -1.77 20.34 -0.86
C ALA B 102 -2.15 19.64 0.45
N LEU B 103 -1.74 18.39 0.67
CA LEU B 103 -2.14 17.62 1.86
C LEU B 103 -1.15 17.78 2.99
N GLY B 104 -1.63 18.02 4.21
CA GLY B 104 -0.76 18.13 5.38
C GLY B 104 -0.15 16.78 5.72
N GLU B 105 1.00 16.81 6.39
CA GLU B 105 1.76 15.61 6.71
C GLU B 105 0.96 14.75 7.71
N ASP B 106 0.48 15.41 8.76
CA ASP B 106 -0.57 14.87 9.66
C ASP B 106 -1.66 14.05 8.95
N ALA B 107 -2.30 14.63 7.93
CA ALA B 107 -3.41 13.94 7.26
C ALA B 107 -2.99 12.64 6.56
N VAL B 108 -1.84 12.71 5.88
CA VAL B 108 -1.27 11.59 5.09
C VAL B 108 -0.99 10.41 6.04
N ALA B 109 -0.38 10.72 7.16
CA ALA B 109 -0.01 9.74 8.15
C ALA B 109 -1.23 9.12 8.80
N SER B 110 -2.25 9.94 9.08
CA SER B 110 -3.48 9.44 9.69
C SER B 110 -4.17 8.40 8.83
N VAL B 111 -4.24 8.69 7.54
CA VAL B 111 -4.87 7.77 6.57
C VAL B 111 -4.13 6.45 6.64
N LEU B 112 -2.81 6.50 6.65
CA LEU B 112 -1.99 5.30 6.68
C LEU B 112 -2.14 4.63 8.03
N ASP B 113 -2.17 5.42 9.10
CA ASP B 113 -2.33 4.89 10.47
C ASP B 113 -3.64 4.18 10.68
N VAL B 114 -4.71 4.77 10.18
CA VAL B 114 -6.03 4.14 10.26
C VAL B 114 -6.26 2.97 9.26
N ASN B 115 -6.09 3.18 7.95
CA ASN B 115 -6.52 2.19 6.94
C ASN B 115 -5.58 0.95 6.91
N VAL B 116 -4.29 1.15 7.17
CA VAL B 116 -3.30 0.07 7.02
C VAL B 116 -2.86 -0.43 8.35
N VAL B 117 -2.34 0.47 9.19
CA VAL B 117 -1.77 0.05 10.50
C VAL B 117 -2.85 -0.44 11.44
N GLY B 118 -3.99 0.26 11.42
CA GLY B 118 -5.15 -0.17 12.18
C GLY B 118 -5.62 -1.55 11.79
N THR B 119 -5.66 -1.85 10.50
CA THR B 119 -5.97 -3.20 10.07
C THR B 119 -4.91 -4.19 10.54
N VAL B 120 -3.64 -3.80 10.52
CA VAL B 120 -2.60 -4.67 11.05
C VAL B 120 -2.80 -4.93 12.54
N ARG B 121 -3.14 -3.92 13.31
CA ARG B 121 -3.43 -4.09 14.73
C ARG B 121 -4.60 -5.06 14.99
N MET B 122 -5.65 -4.98 14.17
CA MET B 122 -6.81 -5.87 14.35
C MET B 122 -6.34 -7.30 14.15
N LEU B 123 -5.63 -7.52 13.05
CA LEU B 123 -5.19 -8.87 12.64
C LEU B 123 -4.20 -9.42 13.65
N GLN B 124 -3.32 -8.56 14.16
CA GLN B 124 -2.37 -9.02 15.17
C GLN B 124 -3.09 -9.51 16.41
N ALA B 125 -4.16 -8.82 16.81
CA ALA B 125 -4.90 -9.10 18.04
C ALA B 125 -5.70 -10.36 17.95
N PHE B 126 -6.35 -10.55 16.79
CA PHE B 126 -7.36 -11.56 16.59
C PHE B 126 -6.90 -12.79 15.77
N LEU B 127 -5.90 -12.69 14.91
CA LEU B 127 -5.52 -13.87 14.11
C LEU B 127 -5.02 -15.05 14.96
N PRO B 128 -4.30 -14.78 16.06
CA PRO B 128 -3.70 -15.94 16.76
C PRO B 128 -4.71 -16.95 17.28
N ASP B 129 -5.83 -16.49 17.84
CA ASP B 129 -6.85 -17.40 18.39
C ASP B 129 -7.53 -18.11 17.25
N MET B 130 -7.74 -17.43 16.11
CA MET B 130 -8.24 -18.13 14.91
C MET B 130 -7.31 -19.26 14.52
N LYS B 131 -6.02 -18.94 14.43
CA LYS B 131 -5.01 -19.93 14.06
C LYS B 131 -4.99 -21.13 15.02
N ARG B 132 -4.94 -20.86 16.32
CA ARG B 132 -5.11 -21.89 17.36
C ARG B 132 -6.35 -22.83 17.14
N ARG B 133 -7.52 -22.25 16.91
CA ARG B 133 -8.75 -23.03 16.72
C ARG B 133 -8.78 -23.79 15.41
N GLY B 134 -8.07 -23.28 14.41
CA GLY B 134 -8.06 -23.90 13.09
C GLY B 134 -9.19 -23.40 12.22
N SER B 135 -9.85 -22.33 12.64
CA SER B 135 -10.84 -21.71 11.76
C SER B 135 -11.19 -20.27 12.14
N GLY B 136 -11.79 -19.58 11.17
CA GLY B 136 -11.96 -18.14 11.23
C GLY B 136 -12.10 -17.55 9.87
N ARG B 137 -12.82 -16.44 9.81
CA ARG B 137 -13.06 -15.70 8.57
C ARG B 137 -12.66 -14.30 8.86
N VAL B 138 -12.01 -13.64 7.89
CA VAL B 138 -11.66 -12.24 8.01
C VAL B 138 -12.13 -11.52 6.78
N LEU B 139 -12.93 -10.49 6.95
CA LEU B 139 -13.45 -9.71 5.83
C LEU B 139 -12.92 -8.33 5.97
N VAL B 140 -12.37 -7.80 4.86
CA VAL B 140 -11.72 -6.49 4.88
C VAL B 140 -12.37 -5.63 3.84
N THR B 141 -12.81 -4.45 4.25
CA THR B 141 -13.43 -3.49 3.33
C THR B 141 -12.39 -2.96 2.35
N GLY B 142 -12.48 -3.44 1.11
CA GLY B 142 -11.58 -3.03 0.02
C GLY B 142 -12.17 -1.93 -0.84
N SER B 143 -11.36 -1.42 -1.75
CA SER B 143 -11.78 -0.42 -2.72
C SER B 143 -11.32 -0.84 -4.11
N VAL B 144 -12.10 -0.43 -5.10
CA VAL B 144 -11.59 -0.41 -6.49
C VAL B 144 -10.39 0.53 -6.59
N GLY B 145 -10.37 1.59 -5.78
CA GLY B 145 -9.14 2.34 -5.54
C GLY B 145 -7.89 1.59 -5.04
N GLY B 146 -8.02 0.34 -4.61
CA GLY B 146 -6.88 -0.48 -4.21
C GLY B 146 -6.40 -1.34 -5.35
N LEU B 147 -7.10 -1.28 -6.48
CA LEU B 147 -6.75 -2.05 -7.68
C LEU B 147 -6.33 -1.18 -8.86
N MET B 148 -6.56 0.13 -8.77
CA MET B 148 -6.23 1.03 -9.85
C MET B 148 -6.11 2.42 -9.26
N GLY B 149 -5.17 3.19 -9.78
CA GLY B 149 -4.79 4.45 -9.18
C GLY B 149 -5.65 5.51 -9.80
N LEU B 150 -5.99 6.51 -9.01
CA LEU B 150 -6.85 7.56 -9.48
C LEU B 150 -6.35 8.90 -9.03
N PRO B 151 -6.33 9.86 -9.98
CA PRO B 151 -5.71 11.14 -9.72
C PRO B 151 -6.38 11.84 -8.55
N PHE B 152 -5.62 12.55 -7.78
CA PHE B 152 -6.06 13.22 -6.56
C PHE B 152 -6.56 12.32 -5.41
N ASN B 153 -6.46 10.99 -5.56
CA ASN B 153 -6.70 9.99 -4.48
C ASN B 153 -5.36 9.25 -4.18
N ASP B 154 -4.23 9.92 -4.40
CA ASP B 154 -2.92 9.24 -4.36
C ASP B 154 -2.68 8.52 -3.02
N VAL B 155 -2.93 9.20 -1.88
CA VAL B 155 -2.72 8.63 -0.55
C VAL B 155 -3.81 7.64 -0.22
N TYR B 156 -5.05 7.93 -0.66
CA TYR B 156 -6.14 6.97 -0.44
C TYR B 156 -5.84 5.65 -1.16
N CYS B 157 -5.58 5.73 -2.46
CA CYS B 157 -5.22 4.52 -3.24
C CYS B 157 -3.98 3.84 -2.66
N ALA B 158 -3.01 4.62 -2.19
CA ALA B 158 -1.82 4.04 -1.55
C ALA B 158 -2.24 3.14 -0.36
N SER B 159 -3.17 3.63 0.46
CA SER B 159 -3.63 2.86 1.64
C SER B 159 -4.48 1.63 1.24
N LYS B 160 -5.26 1.76 0.16
CA LYS B 160 -6.08 0.66 -0.32
C LYS B 160 -5.28 -0.36 -1.08
N PHE B 161 -4.34 0.07 -1.90
CA PHE B 161 -3.36 -0.86 -2.48
C PHE B 161 -2.63 -1.60 -1.35
N ALA B 162 -2.22 -0.87 -0.31
CA ALA B 162 -1.52 -1.47 0.84
C ALA B 162 -2.31 -2.61 1.43
N LEU B 163 -3.64 -2.41 1.60
CA LEU B 163 -4.52 -3.47 2.09
C LEU B 163 -4.52 -4.67 1.21
N GLU B 164 -4.54 -4.47 -0.12
CA GLU B 164 -4.42 -5.58 -1.10
C GLU B 164 -3.16 -6.44 -0.83
N GLY B 165 -2.05 -5.76 -0.56
CA GLY B 165 -0.79 -6.46 -0.40
C GLY B 165 -0.67 -7.24 0.90
N LEU B 166 -1.04 -6.56 1.99
CA LEU B 166 -1.22 -7.12 3.32
C LEU B 166 -2.14 -8.35 3.36
N CYS B 167 -3.34 -8.20 2.77
CA CYS B 167 -4.31 -9.28 2.79
C CYS B 167 -3.95 -10.41 1.82
N GLU B 168 -3.35 -10.08 0.69
CA GLU B 168 -2.90 -11.14 -0.25
C GLU B 168 -1.72 -11.95 0.31
N SER B 169 -0.89 -11.28 1.08
CA SER B 169 0.30 -11.87 1.69
C SER B 169 -0.07 -12.88 2.75
N LEU B 170 -1.03 -12.46 3.58
CA LEU B 170 -1.57 -13.30 4.64
C LEU B 170 -2.33 -14.48 4.07
N ALA B 171 -3.23 -14.23 3.11
CA ALA B 171 -4.04 -15.32 2.53
C ALA B 171 -3.20 -16.50 2.09
N VAL B 172 -2.06 -16.22 1.48
CA VAL B 172 -1.11 -17.26 1.03
C VAL B 172 -0.62 -18.14 2.22
N LEU B 173 -0.31 -17.51 3.35
CA LEU B 173 0.06 -18.28 4.54
C LEU B 173 -1.15 -19.01 5.17
N LEU B 174 -2.27 -18.30 5.29
CA LEU B 174 -3.38 -18.75 6.15
C LEU B 174 -4.28 -19.88 5.59
N LEU B 175 -4.27 -20.06 4.27
CA LEU B 175 -5.07 -21.08 3.56
C LEU B 175 -5.03 -22.45 4.24
N PRO B 176 -3.84 -23.00 4.50
CA PRO B 176 -3.75 -24.25 5.32
C PRO B 176 -3.85 -24.13 6.86
N PHE B 177 -3.92 -22.93 7.41
CA PHE B 177 -4.30 -22.75 8.83
C PHE B 177 -5.81 -22.84 9.07
N GLY B 178 -6.59 -22.94 7.99
CA GLY B 178 -8.07 -22.93 8.05
C GLY B 178 -8.69 -21.55 8.23
N VAL B 179 -7.90 -20.47 8.06
CA VAL B 179 -8.44 -19.12 8.21
C VAL B 179 -8.57 -18.50 6.83
N HIS B 180 -9.72 -17.89 6.56
CA HIS B 180 -10.07 -17.44 5.21
C HIS B 180 -10.23 -15.94 5.19
N LEU B 181 -9.47 -15.27 4.33
CA LEU B 181 -9.41 -13.84 4.31
C LEU B 181 -10.02 -13.41 3.02
N SER B 182 -10.91 -12.44 3.10
CA SER B 182 -11.54 -11.95 1.90
C SER B 182 -11.58 -10.43 1.91
N LEU B 183 -11.31 -9.84 0.76
CA LEU B 183 -11.51 -8.43 0.54
C LEU B 183 -12.84 -8.20 -0.17
N ILE B 184 -13.61 -7.25 0.32
CA ILE B 184 -14.85 -6.83 -0.36
C ILE B 184 -14.51 -5.55 -1.12
N GLU B 185 -14.33 -5.67 -2.44
CA GLU B 185 -13.92 -4.54 -3.25
C GLU B 185 -15.15 -3.72 -3.58
N CYS B 186 -15.23 -2.49 -3.04
CA CYS B 186 -16.37 -1.60 -3.16
C CYS B 186 -15.99 -0.55 -4.17
N GLY B 187 -16.95 -0.11 -4.96
CA GLY B 187 -16.75 1.09 -5.77
C GLY B 187 -17.19 2.24 -4.91
N PRO B 188 -17.60 3.35 -5.52
CA PRO B 188 -18.17 4.43 -4.73
C PRO B 188 -19.39 3.98 -3.91
N VAL B 189 -19.59 4.63 -2.76
CA VAL B 189 -20.70 4.30 -1.89
C VAL B 189 -21.42 5.58 -1.46
N HIS B 190 -22.74 5.57 -1.59
CA HIS B 190 -23.58 6.69 -1.15
C HIS B 190 -23.49 6.81 0.38
N THR B 191 -23.48 8.04 0.88
CA THR B 191 -23.56 8.27 2.34
C THR B 191 -24.44 9.48 2.66
N SER B 200 -10.73 26.92 0.79
CA SER B 200 -11.34 27.40 -0.45
C SER B 200 -10.49 26.99 -1.66
N PRO B 201 -10.95 27.29 -2.89
CA PRO B 201 -10.15 27.15 -4.12
C PRO B 201 -8.87 27.99 -4.23
N GLU B 202 -8.86 29.12 -3.52
CA GLU B 202 -7.70 29.99 -3.38
C GLU B 202 -6.57 29.22 -2.68
N GLU B 203 -6.94 28.48 -1.62
CA GLU B 203 -6.02 27.59 -0.88
C GLU B 203 -5.33 26.58 -1.82
N VAL B 204 -6.12 25.90 -2.62
CA VAL B 204 -5.66 24.90 -3.56
C VAL B 204 -4.64 25.53 -4.49
N LEU B 205 -5.02 26.64 -5.12
CA LEU B 205 -4.11 27.38 -6.00
C LEU B 205 -2.79 27.80 -5.34
N ASP B 206 -2.91 28.41 -4.17
CA ASP B 206 -1.76 28.89 -3.39
C ASP B 206 -0.77 27.78 -3.04
N ARG B 207 -1.30 26.59 -2.77
CA ARG B 207 -0.49 25.42 -2.43
C ARG B 207 -0.15 24.53 -3.64
N THR B 208 -0.68 24.81 -4.83
CA THR B 208 -0.37 23.98 -5.97
C THR B 208 0.16 24.87 -7.09
N ASP B 209 -0.20 24.59 -8.33
CA ASP B 209 0.10 25.48 -9.46
C ASP B 209 -1.12 25.51 -10.36
N ILE B 210 -1.09 26.45 -11.29
CA ILE B 210 -2.23 26.71 -12.16
C ILE B 210 -2.74 25.44 -12.88
N HIS B 211 -1.85 24.59 -13.38
CA HIS B 211 -2.29 23.40 -14.15
C HIS B 211 -2.91 22.31 -13.25
N THR B 212 -2.27 22.04 -12.11
CA THR B 212 -2.77 21.09 -11.15
C THR B 212 -4.18 21.56 -10.69
N PHE B 213 -4.26 22.83 -10.29
CA PHE B 213 -5.52 23.48 -9.84
C PHE B 213 -6.65 23.28 -10.88
N HIS B 214 -6.33 23.54 -12.14
CA HIS B 214 -7.26 23.29 -13.22
C HIS B 214 -7.77 21.82 -13.22
N ARG B 215 -6.83 20.89 -13.20
CA ARG B 215 -7.16 19.46 -13.30
C ARG B 215 -7.97 18.96 -12.09
N PHE B 216 -7.76 19.57 -10.91
CA PHE B 216 -8.50 19.20 -9.71
C PHE B 216 -9.98 19.60 -9.73
N TYR B 217 -10.31 20.74 -10.34
CA TYR B 217 -11.72 21.10 -10.44
C TYR B 217 -12.38 20.35 -11.59
N GLN B 218 -11.67 20.11 -12.69
CA GLN B 218 -12.12 19.12 -13.68
C GLN B 218 -12.43 17.78 -13.04
N TYR B 219 -11.57 17.36 -12.10
CA TYR B 219 -11.77 16.07 -11.40
C TYR B 219 -13.00 16.06 -10.50
N LEU B 220 -13.13 17.08 -9.65
CA LEU B 220 -14.27 17.19 -8.75
C LEU B 220 -15.60 17.22 -9.46
N ALA B 221 -15.62 17.79 -10.65
CA ALA B 221 -16.83 17.89 -11.47
C ALA B 221 -17.19 16.53 -12.07
N HIS B 222 -16.26 15.92 -12.79
CA HIS B 222 -16.44 14.59 -13.40
C HIS B 222 -16.66 13.47 -12.36
N SER B 223 -16.02 13.58 -11.20
CA SER B 223 -16.19 12.59 -10.13
C SER B 223 -17.62 12.53 -9.58
N LYS B 224 -18.21 13.70 -9.38
CA LYS B 224 -19.62 13.81 -8.96
C LYS B 224 -20.60 13.15 -9.94
N GLN B 225 -20.35 13.27 -11.24
CA GLN B 225 -21.11 12.53 -12.26
C GLN B 225 -20.96 11.00 -12.09
N VAL B 226 -19.76 10.53 -11.74
CA VAL B 226 -19.52 9.10 -11.57
C VAL B 226 -20.24 8.54 -10.35
N PHE B 227 -20.26 9.26 -9.23
CA PHE B 227 -21.00 8.81 -8.01
C PHE B 227 -22.50 8.74 -8.29
N ARG B 228 -23.08 9.81 -8.83
CA ARG B 228 -24.49 9.80 -9.29
C ARG B 228 -24.89 8.53 -10.07
N GLU B 229 -24.11 8.15 -11.09
CA GLU B 229 -24.39 6.89 -11.82
C GLU B 229 -24.03 5.62 -11.02
N ALA B 230 -22.81 5.56 -10.50
CA ALA B 230 -22.21 4.31 -10.00
C ALA B 230 -22.35 4.02 -8.52
N ALA B 231 -22.68 5.05 -7.70
CA ALA B 231 -22.68 4.89 -6.22
C ALA B 231 -23.62 3.80 -5.78
N GLN B 232 -23.18 3.03 -4.79
CA GLN B 232 -23.98 1.95 -4.24
C GLN B 232 -24.40 2.33 -2.85
N ASN B 233 -25.55 1.83 -2.46
CA ASN B 233 -26.01 1.97 -1.09
C ASN B 233 -25.28 0.98 -0.20
N PRO B 234 -25.00 1.38 1.05
CA PRO B 234 -24.30 0.47 1.98
C PRO B 234 -24.99 -0.90 2.19
N GLU B 235 -26.32 -0.93 2.11
CA GLU B 235 -27.09 -2.13 2.34
C GLU B 235 -26.82 -3.17 1.26
N GLU B 236 -26.65 -2.70 0.02
CA GLU B 236 -26.29 -3.57 -1.12
C GLU B 236 -24.91 -4.17 -0.92
N VAL B 237 -23.97 -3.32 -0.49
CA VAL B 237 -22.58 -3.75 -0.20
C VAL B 237 -22.56 -4.74 0.96
N ALA B 238 -23.34 -4.43 2.01
CA ALA B 238 -23.47 -5.31 3.16
C ALA B 238 -23.84 -6.75 2.73
N GLU B 239 -24.72 -6.86 1.74
CA GLU B 239 -25.11 -8.19 1.20
C GLU B 239 -23.92 -8.95 0.63
N VAL B 240 -23.00 -8.24 -0.01
CA VAL B 240 -21.80 -8.87 -0.55
C VAL B 240 -20.92 -9.49 0.53
N PHE B 241 -20.78 -8.79 1.66
CA PHE B 241 -20.18 -9.35 2.87
C PHE B 241 -20.88 -10.63 3.35
N LEU B 242 -22.22 -10.64 3.35
CA LEU B 242 -22.97 -11.86 3.66
C LEU B 242 -22.56 -13.03 2.75
N THR B 243 -22.72 -12.85 1.45
CA THR B 243 -22.33 -13.86 0.47
C THR B 243 -20.96 -14.43 0.79
N ALA B 244 -19.98 -13.53 0.97
CA ALA B 244 -18.61 -13.94 1.33
C ALA B 244 -18.64 -14.74 2.60
N LEU B 245 -19.34 -14.20 3.59
CA LEU B 245 -19.44 -14.82 4.91
C LEU B 245 -20.01 -16.24 4.85
N ARG B 246 -21.04 -16.40 4.05
CA ARG B 246 -21.71 -17.68 3.93
C ARG B 246 -20.96 -18.63 2.99
N ALA B 247 -20.15 -18.13 2.07
CA ALA B 247 -19.41 -18.97 1.11
C ALA B 247 -18.63 -20.07 1.84
N PRO B 248 -18.76 -21.34 1.41
CA PRO B 248 -17.99 -22.45 2.05
C PRO B 248 -16.48 -22.42 1.80
N LYS B 249 -16.08 -22.08 0.57
CA LYS B 249 -14.70 -21.90 0.14
C LYS B 249 -14.58 -20.45 -0.39
N PRO B 250 -14.49 -19.46 0.54
CA PRO B 250 -14.56 -18.08 0.08
C PRO B 250 -13.26 -17.72 -0.65
N THR B 251 -13.39 -16.83 -1.62
CA THR B 251 -12.26 -16.44 -2.45
C THR B 251 -11.67 -15.13 -1.89
N LEU B 252 -10.47 -14.80 -2.36
CA LEU B 252 -9.75 -13.66 -1.85
C LEU B 252 -10.48 -12.33 -2.09
N ARG B 253 -11.20 -12.20 -3.19
CA ARG B 253 -11.93 -10.94 -3.50
C ARG B 253 -13.32 -11.19 -3.97
N TYR B 254 -14.20 -10.31 -3.54
CA TYR B 254 -15.55 -10.22 -4.01
C TYR B 254 -15.72 -8.78 -4.49
N PHE B 255 -16.39 -8.59 -5.62
CA PHE B 255 -16.64 -7.27 -6.14
C PHE B 255 -18.11 -6.96 -5.90
N THR B 256 -18.39 -5.80 -5.33
CA THR B 256 -19.76 -5.39 -5.13
C THR B 256 -20.38 -4.93 -6.46
N THR B 257 -19.54 -4.57 -7.43
CA THR B 257 -20.01 -4.20 -8.77
C THR B 257 -19.07 -4.72 -9.83
N GLU B 258 -19.62 -5.02 -11.01
CA GLU B 258 -18.80 -5.33 -12.21
C GLU B 258 -18.56 -4.10 -13.11
N ARG B 259 -19.02 -2.93 -12.67
CA ARG B 259 -18.88 -1.69 -13.42
C ARG B 259 -17.45 -1.35 -13.86
N PHE B 260 -16.45 -1.80 -13.09
CA PHE B 260 -15.05 -1.45 -13.37
C PHE B 260 -14.17 -2.63 -13.78
N LEU B 261 -14.77 -3.82 -14.02
CA LEU B 261 -14.02 -4.96 -14.59
C LEU B 261 -13.36 -4.65 -15.95
N PRO B 262 -14.04 -3.88 -16.84
CA PRO B 262 -13.39 -3.48 -18.10
C PRO B 262 -12.07 -2.74 -17.91
N LEU B 263 -12.09 -1.61 -17.19
CA LEU B 263 -10.88 -0.83 -16.84
C LEU B 263 -9.85 -1.62 -16.03
N LEU B 264 -10.32 -2.56 -15.23
CA LEU B 264 -9.47 -3.46 -14.50
C LEU B 264 -8.78 -4.47 -15.43
N ARG B 265 -9.51 -5.09 -16.36
CA ARG B 265 -8.92 -6.08 -17.29
C ARG B 265 -7.88 -5.44 -18.22
N MET B 266 -8.24 -4.28 -18.74
CA MET B 266 -7.37 -3.48 -19.59
C MET B 266 -6.08 -3.03 -18.87
N ARG B 267 -6.19 -2.70 -17.58
CA ARG B 267 -5.03 -2.45 -16.70
C ARG B 267 -4.10 -3.66 -16.57
N LEU B 268 -4.69 -4.84 -16.54
CA LEU B 268 -3.98 -6.11 -16.39
C LEU B 268 -3.41 -6.62 -17.70
N ASP B 269 -3.93 -6.15 -18.84
CA ASP B 269 -3.37 -6.46 -20.19
C ASP B 269 -1.96 -5.88 -20.43
N ASP B 270 -1.65 -4.76 -19.78
CA ASP B 270 -0.46 -3.97 -20.08
C ASP B 270 0.42 -3.84 -18.81
N PRO B 271 1.42 -4.74 -18.63
CA PRO B 271 2.34 -4.71 -17.46
C PRO B 271 3.12 -3.41 -17.30
N SER B 272 3.63 -2.88 -18.40
CA SER B 272 4.32 -1.59 -18.43
C SER B 272 3.50 -0.46 -17.79
N GLY B 273 2.17 -0.59 -17.76
CA GLY B 273 1.30 0.32 -17.04
C GLY B 273 0.71 1.45 -17.85
N SER B 274 1.29 1.73 -19.01
CA SER B 274 0.99 2.98 -19.70
C SER B 274 -0.35 3.10 -20.44
N ASN B 275 -0.93 1.99 -20.89
CA ASN B 275 -2.29 1.99 -21.43
C ASN B 275 -3.29 2.37 -20.37
N TYR B 276 -3.13 1.83 -19.16
CA TYR B 276 -3.99 2.23 -18.06
C TYR B 276 -3.89 3.73 -17.80
N VAL B 277 -2.69 4.26 -17.79
CA VAL B 277 -2.48 5.68 -17.46
C VAL B 277 -3.11 6.54 -18.56
N THR B 278 -2.88 6.17 -19.80
CA THR B 278 -3.38 6.88 -20.97
C THR B 278 -4.89 6.93 -21.01
N ALA B 279 -5.50 5.75 -20.87
CA ALA B 279 -6.95 5.59 -20.82
C ALA B 279 -7.58 6.30 -19.64
N MET B 280 -7.12 5.97 -18.42
CA MET B 280 -7.67 6.60 -17.22
C MET B 280 -7.59 8.10 -17.31
N HIS B 281 -6.51 8.63 -17.86
CA HIS B 281 -6.37 10.07 -18.02
C HIS B 281 -7.50 10.62 -18.89
N ARG B 282 -7.67 10.06 -20.09
CA ARG B 282 -8.71 10.49 -21.05
C ARG B 282 -10.11 10.41 -20.43
N GLU B 283 -10.40 9.25 -19.87
CA GLU B 283 -11.69 8.96 -19.24
C GLU B 283 -12.00 9.87 -18.06
N VAL B 284 -11.00 10.19 -17.25
CA VAL B 284 -11.17 11.11 -16.13
C VAL B 284 -11.26 12.55 -16.60
N PHE B 285 -10.31 12.96 -17.45
CA PHE B 285 -10.16 14.35 -17.84
C PHE B 285 -10.82 14.69 -19.18
N GLY B 286 -11.78 13.88 -19.63
CA GLY B 286 -12.77 14.28 -20.63
C GLY B 286 -12.25 14.32 -22.05
PA NAP C . 19.34 -1.43 1.12
O1A NAP C . 20.86 -1.44 1.14
O2A NAP C . 18.56 -2.03 2.27
O5B NAP C . 18.92 0.12 0.96
C5B NAP C . 18.02 0.81 1.84
C4B NAP C . 18.51 2.25 1.83
O4B NAP C . 17.47 3.05 2.40
C3B NAP C . 19.77 2.38 2.70
O3B NAP C . 20.77 3.24 2.15
C2B NAP C . 19.22 2.99 3.97
O2B NAP C . 20.26 3.67 4.72
C1B NAP C . 18.10 3.86 3.41
N9A NAP C . 17.18 4.35 4.44
C8A NAP C . 16.54 3.65 5.38
N7A NAP C . 15.79 4.46 6.17
C5A NAP C . 15.97 5.71 5.76
C6A NAP C . 15.50 7.04 6.16
N6A NAP C . 14.68 7.21 7.21
N1A NAP C . 15.91 8.10 5.43
C2A NAP C . 16.74 7.94 4.40
N3A NAP C . 17.21 6.76 3.99
C4A NAP C . 16.87 5.63 4.60
O3 NAP C . 18.89 -2.08 -0.31
P2B NAP C . 20.54 3.13 6.24
O1X NAP C . 20.87 1.65 6.15
O2X NAP C . 21.65 4.05 6.76
O3X NAP C . 19.23 3.36 6.99
O29 F0A D . 11.64 -7.11 4.31
C28 F0A D . 11.24 -7.88 3.46
N30 F0A D . 10.10 -8.52 3.68
C24 F0A D . 12.08 -8.03 2.20
C25 F0A D . 13.49 -7.92 2.28
C26 F0A D . 14.26 -8.04 1.11
C27 F0A D . 13.66 -8.26 -0.13
C22 F0A D . 12.28 -8.39 -0.22
C23 F0A D . 11.50 -8.25 0.93
C21 F0A D . 11.60 -8.59 -1.57
C17 F0A D . 12.09 -9.78 -2.38
C18 F0A D . 11.43 -9.84 -3.76
O19 F0A D . 10.76 -8.62 -4.13
C14 F0A D . 10.53 -11.07 -3.73
C20 F0A D . 9.16 -10.76 -3.03
C15 F0A D . 11.44 -11.99 -2.96
C16 F0A D . 11.85 -11.16 -1.74
C13 F0A D . 10.23 -11.69 -5.12
C12 F0A D . 9.80 -13.14 -5.15
C10 F0A D . 10.63 -14.01 -4.22
C11 F0A D . 10.07 -15.37 -4.14
C6 F0A D . 10.12 -16.10 -2.92
C7 F0A D . 10.66 -15.54 -1.61
C8 F0A D . 11.47 -14.25 -1.76
C9 F0A D . 10.76 -13.36 -2.80
C5 F0A D . 9.59 -17.38 -2.87
C3 F0A D . 9.05 -17.98 -4.02
O4 F0A D . 8.55 -19.25 -4.03
C2 F0A D . 9.02 -17.30 -5.22
C1 F0A D . 9.53 -15.98 -5.29
O31 F0A D . 8.48 -17.92 -6.33
C32 F0A D . 7.51 -17.21 -7.07
PA NAP E . -16.12 7.23 7.08
O1A NAP E . -15.21 7.68 5.95
O2A NAP E . -16.45 8.27 8.14
O5B NAP E . -15.36 6.00 7.82
C5B NAP E . -15.73 4.60 7.78
C4B NAP E . -15.81 4.00 9.16
O4B NAP E . -14.46 3.96 9.63
C3B NAP E . -16.64 4.88 10.11
O3B NAP E . -17.59 4.15 10.91
C2B NAP E . -15.56 5.54 10.91
O2B NAP E . -15.99 6.00 12.18
C1B NAP E . -14.50 4.43 10.97
N9A NAP E . -13.23 4.92 11.59
C8A NAP E . -12.52 5.98 11.21
N7A NAP E . -11.45 6.17 12.01
C5A NAP E . -11.48 5.22 12.95
C6A NAP E . -10.64 4.88 14.13
N6A NAP E . -9.54 5.62 14.38
N1A NAP E . -10.98 3.79 14.86
C2A NAP E . -12.08 3.04 14.54
N3A NAP E . -12.89 3.32 13.48
C4A NAP E . -12.65 4.39 12.66
O3 NAP E . -17.51 6.63 6.45
PN NAP E . -17.66 5.61 5.17
O1N NAP E . -16.27 5.19 4.72
O2N NAP E . -18.66 4.53 5.51
O5D NAP E . -18.31 6.50 4.00
P2B NAP E . -16.36 7.56 12.54
O1X NAP E . -15.07 8.30 12.86
O2X NAP E . -17.17 8.19 11.41
O3X NAP E . -17.19 7.23 13.77
O29 F0A F . -10.21 9.65 -1.78
C28 F0A F . -11.17 9.49 -1.06
N30 F0A F . -11.27 10.34 -0.06
C24 F0A F . -12.26 8.46 -1.34
C25 F0A F . -13.50 8.51 -0.66
C26 F0A F . -14.52 7.59 -0.94
C27 F0A F . -14.32 6.61 -1.93
C22 F0A F . -13.12 6.59 -2.64
C23 F0A F . -12.09 7.50 -2.36
C21 F0A F . -12.93 5.54 -3.69
C17 F0A F . -13.94 5.71 -4.81
C18 F0A F . -14.08 4.47 -5.74
O19 F0A F . -13.63 3.25 -5.16
C14 F0A F . -13.42 4.86 -7.04
C20 F0A F . -11.89 4.74 -6.98
C15 F0A F . -13.96 6.30 -7.09
C16 F0A F . -13.62 6.90 -5.71
C13 F0A F . -13.90 4.12 -8.26
C12 F0A F . -13.56 4.85 -9.55
C10 F0A F . -14.05 6.27 -9.53
C11 F0A F . -13.86 7.00 -10.81
C6 F0A F . -13.73 8.38 -10.85
C7 F0A F . -13.64 9.21 -9.59
C8 F0A F . -14.18 8.47 -8.38
C9 F0A F . -13.56 7.07 -8.33
C5 F0A F . -13.63 9.04 -12.10
C3 F0A F . -13.71 8.28 -13.29
O4 F0A F . -13.62 8.89 -14.52
C2 F0A F . -13.89 6.90 -13.20
C1 F0A F . -13.97 6.27 -11.98
O31 F0A F . -14.03 6.03 -14.23
C32 F0A F . -12.99 5.70 -15.09
#